data_3PWH
#
_entry.id   3PWH
#
_cell.length_a   111.935
_cell.length_b   112.551
_cell.length_c   125.678
_cell.angle_alpha   90.00
_cell.angle_beta   90.00
_cell.angle_gamma   90.00
#
_symmetry.space_group_name_H-M   'I 2 2 2'
#
loop_
_entity.id
_entity.type
_entity.pdbx_description
1 polymer 'Adenosine receptor A2a'
2 non-polymer 4-{2-[(7-amino-2-furan-2-yl[1,2,4]triazolo[1,5-a][1,3,5]triazin-5-yl)amino]ethyl}phenol
#
_entity_poly.entity_id   1
_entity_poly.type   'polypeptide(L)'
_entity_poly.pdbx_seq_one_letter_code
;MPIMGSSVYITVELAIAVLAILGNVLVCWAVWLNSNLQNVTNYFVVSLAAADILVGVLAIPFAITISTGFCAACHGCLFI
ACFVLVLAQSSIFSLLAIAIDRYIAIAIPLRYNGLVTGTRAAGIIAICWVLSFAIGLTPMLGWNNCGQPKEGKNHSQGCG
EGQVACLFEDVVPMNYMVYFNFFACVLVPLLLMLGVYLRIFAAARRQLKQMESQPLPGERARSTLQKEVHAAKSAAIIAG
LFALCWLPLHIINCFTFFCPDCSHAPLWLMYLAIVLAHTNSVVNPFIYAYRIREFRQTFRKIIRSHVLRQQEPFKAAAAH
HHHHHHHHH
;
_entity_poly.pdbx_strand_id   A
#
loop_
_chem_comp.id
_chem_comp.type
_chem_comp.name
_chem_comp.formula
ZMA non-polymer 4-{2-[(7-amino-2-furan-2-yl[1,2,4]triazolo[1,5-a][1,3,5]triazin-5-yl)amino]ethyl}phenol 'C16 H15 N7 O2'
#
# COMPACT_ATOMS: atom_id res chain seq x y z
N SER A 7 -5.69 3.74 27.39
CA SER A 7 -6.67 2.84 26.80
C SER A 7 -7.64 3.59 25.90
N VAL A 8 -7.53 4.92 25.90
CA VAL A 8 -8.40 5.77 25.08
C VAL A 8 -8.09 5.60 23.60
N TYR A 9 -6.81 5.46 23.27
CA TYR A 9 -6.39 5.29 21.89
C TYR A 9 -6.22 3.83 21.52
N ILE A 10 -6.00 2.99 22.54
CA ILE A 10 -5.82 1.56 22.33
C ILE A 10 -6.98 0.98 21.51
N THR A 11 -8.19 1.32 21.90
CA THR A 11 -9.39 0.84 21.23
C THR A 11 -9.38 1.20 19.75
N VAL A 12 -9.04 2.46 19.45
CA VAL A 12 -8.99 2.93 18.07
C VAL A 12 -8.12 2.02 17.19
N GLU A 13 -6.95 1.66 17.67
CA GLU A 13 -6.07 0.77 16.94
C GLU A 13 -6.69 -0.60 16.70
N LEU A 14 -7.41 -1.10 17.70
CA LEU A 14 -8.09 -2.39 17.57
C LEU A 14 -9.28 -2.29 16.63
N ALA A 15 -10.02 -1.20 16.73
CA ALA A 15 -11.17 -0.97 15.87
C ALA A 15 -10.73 -0.97 14.41
N ILE A 16 -9.65 -0.26 14.12
CA ILE A 16 -9.10 -0.22 12.76
C ILE A 16 -8.66 -1.62 12.32
N ALA A 17 -8.08 -2.37 13.24
CA ALA A 17 -7.60 -3.72 12.95
C ALA A 17 -8.76 -4.59 12.45
N VAL A 18 -9.88 -4.53 13.14
CA VAL A 18 -11.06 -5.30 12.76
C VAL A 18 -11.55 -4.94 11.36
N LEU A 19 -11.84 -3.66 11.15
CA LEU A 19 -12.34 -3.19 9.87
C LEU A 19 -11.38 -3.52 8.74
N ALA A 20 -10.08 -3.47 9.03
CA ALA A 20 -9.06 -3.79 8.04
C ALA A 20 -9.12 -5.24 7.61
N ILE A 21 -9.38 -6.12 8.58
CA ILE A 21 -9.48 -7.54 8.31
C ILE A 21 -10.74 -7.87 7.52
N LEU A 22 -11.89 -7.45 8.06
CA LEU A 22 -13.18 -7.69 7.42
C LEU A 22 -13.23 -7.11 6.01
N GLY A 23 -12.96 -5.81 5.91
CA GLY A 23 -13.01 -5.13 4.63
C GLY A 23 -12.27 -5.85 3.53
N ASN A 24 -11.04 -6.27 3.81
CA ASN A 24 -10.20 -6.91 2.80
C ASN A 24 -10.49 -8.39 2.58
N VAL A 25 -10.80 -9.11 3.66
CA VAL A 25 -11.16 -10.51 3.53
C VAL A 25 -12.42 -10.61 2.70
N LEU A 26 -13.22 -9.55 2.74
CA LEU A 26 -14.42 -9.45 1.93
C LEU A 26 -14.03 -9.20 0.47
N VAL A 27 -13.07 -8.32 0.27
CA VAL A 27 -12.55 -8.04 -1.07
C VAL A 27 -11.93 -9.28 -1.68
N CYS A 28 -11.37 -10.14 -0.85
CA CYS A 28 -10.73 -11.36 -1.32
C CYS A 28 -11.75 -12.45 -1.64
N TRP A 29 -12.77 -12.56 -0.78
CA TRP A 29 -13.82 -13.56 -0.96
C TRP A 29 -14.71 -13.19 -2.14
N ALA A 30 -14.85 -11.90 -2.39
CA ALA A 30 -15.66 -11.41 -3.49
C ALA A 30 -15.01 -11.75 -4.83
N VAL A 31 -13.69 -11.76 -4.86
CA VAL A 31 -12.95 -12.11 -6.07
C VAL A 31 -12.86 -13.62 -6.22
N TRP A 32 -13.27 -14.34 -5.19
CA TRP A 32 -13.25 -15.80 -5.24
C TRP A 32 -14.62 -16.35 -5.63
N LEU A 33 -15.64 -15.51 -5.53
CA LEU A 33 -16.99 -15.91 -5.91
C LEU A 33 -17.35 -15.40 -7.30
N ASN A 34 -17.01 -14.15 -7.55
CA ASN A 34 -17.35 -13.49 -8.82
C ASN A 34 -16.19 -13.56 -9.81
N SER A 35 -16.33 -14.44 -10.80
CA SER A 35 -15.27 -14.66 -11.78
C SER A 35 -15.11 -13.46 -12.72
N ASN A 36 -16.01 -12.50 -12.63
CA ASN A 36 -15.93 -11.30 -13.44
C ASN A 36 -14.94 -10.31 -12.84
N LEU A 37 -14.33 -10.70 -11.74
CA LEU A 37 -13.32 -9.90 -11.07
C LEU A 37 -11.97 -10.62 -11.11
N GLN A 38 -12.00 -11.87 -11.53
CA GLN A 38 -10.82 -12.72 -11.50
C GLN A 38 -9.94 -12.53 -12.74
N ASN A 39 -9.64 -11.27 -13.05
CA ASN A 39 -8.75 -10.95 -14.17
C ASN A 39 -7.33 -10.66 -13.68
N VAL A 40 -6.41 -10.48 -14.63
CA VAL A 40 -5.01 -10.26 -14.29
C VAL A 40 -4.83 -9.04 -13.40
N THR A 41 -5.61 -8.01 -13.65
CA THR A 41 -5.53 -6.77 -12.88
C THR A 41 -5.76 -7.01 -11.39
N ASN A 42 -6.85 -7.69 -11.07
CA ASN A 42 -7.22 -7.92 -9.67
C ASN A 42 -6.29 -8.92 -8.96
N TYR A 43 -5.42 -9.57 -9.71
CA TYR A 43 -4.42 -10.45 -9.10
C TYR A 43 -3.52 -9.64 -8.17
N PHE A 44 -3.18 -8.43 -8.59
CA PHE A 44 -2.37 -7.52 -7.78
C PHE A 44 -3.20 -6.93 -6.64
N VAL A 45 -4.47 -6.65 -6.93
CA VAL A 45 -5.37 -6.11 -5.92
C VAL A 45 -5.41 -7.01 -4.69
N VAL A 46 -5.38 -8.31 -4.92
CA VAL A 46 -5.35 -9.28 -3.84
C VAL A 46 -4.06 -9.15 -3.03
N SER A 47 -2.96 -8.91 -3.73
CA SER A 47 -1.67 -8.72 -3.08
C SER A 47 -1.72 -7.51 -2.15
N LEU A 48 -2.43 -6.47 -2.58
CA LEU A 48 -2.62 -5.28 -1.77
C LEU A 48 -3.57 -5.56 -0.62
N ALA A 49 -4.62 -6.33 -0.89
CA ALA A 49 -5.59 -6.70 0.12
C ALA A 49 -4.93 -7.56 1.20
N ALA A 50 -4.40 -8.71 0.79
CA ALA A 50 -3.72 -9.63 1.70
C ALA A 50 -2.69 -8.89 2.55
N ALA A 51 -2.04 -7.90 1.95
CA ALA A 51 -1.08 -7.08 2.68
C ALA A 51 -1.79 -6.28 3.78
N ASP A 52 -2.78 -5.50 3.38
CA ASP A 52 -3.52 -4.67 4.33
C ASP A 52 -4.31 -5.52 5.33
N ILE A 53 -4.36 -6.83 5.08
CA ILE A 53 -4.98 -7.75 6.03
C ILE A 53 -4.00 -8.06 7.15
N LEU A 54 -2.77 -8.38 6.78
CA LEU A 54 -1.72 -8.68 7.74
C LEU A 54 -1.44 -7.47 8.64
N VAL A 55 -1.92 -6.30 8.22
CA VAL A 55 -1.76 -5.10 9.03
C VAL A 55 -2.57 -5.24 10.32
N GLY A 56 -3.88 -5.38 10.19
CA GLY A 56 -4.75 -5.53 11.35
C GLY A 56 -4.50 -6.82 12.09
N VAL A 57 -3.88 -7.79 11.41
CA VAL A 57 -3.63 -9.09 12.00
C VAL A 57 -2.28 -9.15 12.72
N LEU A 58 -1.29 -8.45 12.16
CA LEU A 58 0.07 -8.49 12.71
C LEU A 58 0.63 -7.11 13.01
N ALA A 59 0.62 -6.25 12.00
CA ALA A 59 1.19 -4.91 12.14
C ALA A 59 0.63 -4.16 13.34
N ILE A 60 -0.69 -3.97 13.36
CA ILE A 60 -1.35 -3.26 14.46
C ILE A 60 -1.09 -3.93 15.81
N PRO A 61 -1.26 -5.26 15.88
CA PRO A 61 -0.92 -5.96 17.13
C PRO A 61 0.53 -5.71 17.55
N PHE A 62 1.43 -5.63 16.59
CA PHE A 62 2.83 -5.36 16.86
C PHE A 62 3.05 -3.89 17.21
N ALA A 63 2.48 -3.01 16.38
CA ALA A 63 2.63 -1.57 16.56
C ALA A 63 2.16 -1.12 17.94
N ILE A 64 1.11 -1.76 18.44
CA ILE A 64 0.56 -1.41 19.75
C ILE A 64 1.39 -2.02 20.87
N THR A 65 2.21 -3.02 20.53
CA THR A 65 3.08 -3.67 21.51
C THR A 65 4.36 -2.88 21.71
N ILE A 66 5.06 -2.60 20.62
CA ILE A 66 6.31 -1.85 20.68
C ILE A 66 6.07 -0.41 21.14
N SER A 67 4.80 -0.03 21.20
CA SER A 67 4.44 1.30 21.69
C SER A 67 4.91 1.49 23.12
N THR A 68 4.55 0.54 23.99
CA THR A 68 4.97 0.59 25.38
C THR A 68 6.37 0.03 25.55
N GLY A 69 6.88 -0.62 24.51
CA GLY A 69 8.21 -1.20 24.54
C GLY A 69 8.26 -2.48 25.35
N PHE A 70 9.20 -3.35 25.02
CA PHE A 70 9.37 -4.62 25.72
C PHE A 70 10.82 -5.07 25.70
N CYS A 71 11.07 -6.29 26.17
CA CYS A 71 12.42 -6.83 26.22
C CYS A 71 12.54 -8.12 25.42
N ALA A 72 13.38 -8.09 24.38
CA ALA A 72 13.61 -9.26 23.54
C ALA A 72 14.88 -9.09 22.72
N ALA A 73 15.32 -10.19 22.09
CA ALA A 73 16.55 -10.17 21.29
C ALA A 73 16.46 -9.15 20.16
N CYS A 74 17.56 -9.00 19.42
CA CYS A 74 17.61 -8.03 18.33
C CYS A 74 16.76 -8.48 17.14
N HIS A 75 16.92 -9.74 16.75
CA HIS A 75 16.12 -10.31 15.67
C HIS A 75 14.63 -10.17 15.96
N GLY A 76 14.20 -10.73 17.08
CA GLY A 76 12.81 -10.68 17.48
C GLY A 76 12.26 -9.27 17.56
N CYS A 77 13.08 -8.35 18.06
CA CYS A 77 12.65 -6.96 18.21
C CYS A 77 12.54 -6.25 16.86
N LEU A 78 13.59 -6.36 16.05
CA LEU A 78 13.60 -5.72 14.73
C LEU A 78 12.46 -6.20 13.85
N PHE A 79 12.11 -7.48 13.98
CA PHE A 79 11.00 -8.04 13.23
C PHE A 79 9.69 -7.36 13.60
N ILE A 80 9.41 -7.33 14.90
CA ILE A 80 8.18 -6.71 15.40
C ILE A 80 8.19 -5.21 15.16
N ALA A 81 9.32 -4.69 14.70
CA ALA A 81 9.47 -3.25 14.49
C ALA A 81 9.56 -2.89 13.00
N CYS A 82 9.98 -3.85 12.19
CA CYS A 82 10.19 -3.60 10.76
C CYS A 82 9.21 -4.37 9.89
N PHE A 83 8.34 -5.15 10.52
CA PHE A 83 7.35 -5.92 9.78
C PHE A 83 6.38 -5.01 9.04
N VAL A 84 6.00 -3.91 9.68
CA VAL A 84 5.09 -2.95 9.07
C VAL A 84 5.72 -2.30 7.85
N LEU A 85 7.05 -2.23 7.84
CA LEU A 85 7.77 -1.67 6.70
C LEU A 85 7.64 -2.59 5.49
N VAL A 86 7.48 -3.88 5.76
CA VAL A 86 7.33 -4.87 4.69
C VAL A 86 5.98 -4.73 3.99
N LEU A 87 4.90 -4.86 4.76
CA LEU A 87 3.56 -4.74 4.23
C LEU A 87 3.39 -3.45 3.43
N ALA A 88 3.91 -2.36 3.97
CA ALA A 88 3.83 -1.06 3.30
C ALA A 88 4.66 -1.06 2.02
N GLN A 89 5.81 -1.73 2.05
CA GLN A 89 6.68 -1.79 0.89
C GLN A 89 6.09 -2.66 -0.20
N SER A 90 5.45 -3.76 0.20
CA SER A 90 4.77 -4.63 -0.76
C SER A 90 3.70 -3.83 -1.49
N SER A 91 2.91 -3.08 -0.73
CA SER A 91 1.86 -2.24 -1.30
C SER A 91 2.44 -1.25 -2.31
N ILE A 92 3.68 -0.85 -2.10
CA ILE A 92 4.36 0.05 -3.02
C ILE A 92 4.51 -0.61 -4.39
N PHE A 93 4.87 -1.90 -4.37
CA PHE A 93 5.03 -2.66 -5.60
C PHE A 93 3.70 -2.89 -6.30
N SER A 94 2.69 -3.27 -5.52
CA SER A 94 1.36 -3.52 -6.06
C SER A 94 0.78 -2.27 -6.71
N LEU A 95 0.71 -1.18 -5.95
CA LEU A 95 0.16 0.08 -6.46
C LEU A 95 0.89 0.54 -7.71
N LEU A 96 2.19 0.28 -7.76
CA LEU A 96 3.00 0.65 -8.92
C LEU A 96 2.64 -0.25 -10.10
N ALA A 97 2.41 -1.53 -9.80
CA ALA A 97 2.02 -2.49 -10.81
C ALA A 97 0.69 -2.09 -11.44
N ILE A 98 -0.32 -1.89 -10.60
CA ILE A 98 -1.64 -1.48 -11.07
C ILE A 98 -1.54 -0.23 -11.93
N ALA A 99 -0.67 0.69 -11.53
CA ALA A 99 -0.45 1.92 -12.28
C ALA A 99 0.00 1.60 -13.71
N ILE A 100 1.02 0.75 -13.81
CA ILE A 100 1.53 0.35 -15.11
C ILE A 100 0.50 -0.47 -15.87
N ASP A 101 -0.23 -1.31 -15.14
CA ASP A 101 -1.27 -2.15 -15.72
C ASP A 101 -2.28 -1.33 -16.51
N ARG A 102 -2.99 -0.45 -15.80
CA ARG A 102 -3.99 0.40 -16.44
C ARG A 102 -3.40 1.21 -17.58
N TYR A 103 -2.09 1.46 -17.49
CA TYR A 103 -1.39 2.19 -18.56
C TYR A 103 -1.29 1.33 -19.81
N ILE A 104 -0.84 0.09 -19.65
CA ILE A 104 -0.70 -0.84 -20.77
C ILE A 104 -2.04 -1.06 -21.47
N ALA A 105 -3.11 -1.15 -20.68
CA ALA A 105 -4.44 -1.38 -21.21
C ALA A 105 -4.90 -0.21 -22.08
N ILE A 106 -4.82 1.00 -21.54
CA ILE A 106 -5.26 2.19 -22.25
C ILE A 106 -4.32 2.56 -23.40
N ALA A 107 -3.02 2.40 -23.16
CA ALA A 107 -2.02 2.73 -24.18
C ALA A 107 -2.01 1.69 -25.31
N ILE A 108 -1.73 0.44 -24.95
CA ILE A 108 -1.66 -0.62 -25.94
C ILE A 108 -2.65 -1.75 -25.61
N PRO A 109 -3.93 -1.55 -25.98
CA PRO A 109 -5.00 -2.50 -25.69
C PRO A 109 -4.73 -3.88 -26.28
N LEU A 110 -4.15 -3.92 -27.47
CA LEU A 110 -3.89 -5.18 -28.15
C LEU A 110 -2.80 -6.00 -27.48
N ARG A 111 -1.66 -5.35 -27.22
CA ARG A 111 -0.54 -6.02 -26.58
C ARG A 111 -0.79 -6.25 -25.09
N TYR A 112 -1.85 -5.63 -24.56
CA TYR A 112 -2.20 -5.78 -23.16
C TYR A 112 -2.37 -7.25 -22.78
N ASN A 113 -3.05 -8.00 -23.62
CA ASN A 113 -3.32 -9.41 -23.35
C ASN A 113 -2.08 -10.29 -23.56
N GLY A 114 -1.26 -9.92 -24.54
CA GLY A 114 -0.07 -10.67 -24.85
C GLY A 114 1.07 -10.38 -23.89
N LEU A 115 0.94 -9.31 -23.13
CA LEU A 115 1.97 -8.92 -22.17
C LEU A 115 1.48 -9.11 -20.73
N VAL A 116 0.39 -8.42 -20.39
CA VAL A 116 -0.19 -8.54 -19.06
C VAL A 116 -0.95 -9.84 -18.91
N THR A 117 -0.22 -10.92 -18.61
CA THR A 117 -0.82 -12.24 -18.47
C THR A 117 -1.00 -12.62 -17.01
N GLY A 118 -1.89 -13.56 -16.75
CA GLY A 118 -2.17 -14.01 -15.39
C GLY A 118 -0.98 -14.70 -14.75
N THR A 119 -0.06 -15.19 -15.57
CA THR A 119 1.13 -15.86 -15.07
C THR A 119 2.18 -14.85 -14.63
N ARG A 120 2.50 -13.90 -15.51
CA ARG A 120 3.44 -12.85 -15.20
C ARG A 120 2.97 -12.06 -13.97
N ALA A 121 1.66 -11.97 -13.80
CA ALA A 121 1.09 -11.30 -12.64
C ALA A 121 1.52 -11.99 -11.36
N ALA A 122 1.38 -13.32 -11.34
CA ALA A 122 1.77 -14.10 -10.18
C ALA A 122 3.28 -13.99 -9.92
N GLY A 123 4.06 -14.09 -10.99
CA GLY A 123 5.50 -13.99 -10.91
C GLY A 123 5.95 -12.68 -10.29
N ILE A 124 5.44 -11.58 -10.83
CA ILE A 124 5.76 -10.25 -10.31
C ILE A 124 5.40 -10.13 -8.83
N ILE A 125 4.17 -10.51 -8.50
CA ILE A 125 3.70 -10.46 -7.12
C ILE A 125 4.65 -11.18 -6.18
N ALA A 126 5.11 -12.36 -6.59
CA ALA A 126 6.06 -13.13 -5.78
C ALA A 126 7.33 -12.34 -5.54
N ILE A 127 7.93 -11.84 -6.62
CA ILE A 127 9.14 -11.05 -6.53
C ILE A 127 8.92 -9.81 -5.66
N CYS A 128 7.74 -9.20 -5.81
CA CYS A 128 7.42 -8.01 -5.04
C CYS A 128 7.51 -8.26 -3.54
N TRP A 129 6.98 -9.40 -3.10
CA TRP A 129 7.03 -9.75 -1.69
C TRP A 129 8.44 -10.12 -1.25
N VAL A 130 9.15 -10.86 -2.09
CA VAL A 130 10.54 -11.22 -1.81
C VAL A 130 11.37 -9.97 -1.61
N LEU A 131 11.26 -9.03 -2.54
CA LEU A 131 11.98 -7.76 -2.43
C LEU A 131 11.40 -6.91 -1.32
N SER A 132 10.15 -7.18 -0.96
CA SER A 132 9.48 -6.44 0.11
C SER A 132 10.09 -6.77 1.47
N PHE A 133 10.49 -8.03 1.65
CA PHE A 133 11.15 -8.44 2.89
C PHE A 133 12.61 -8.02 2.90
N ALA A 134 13.24 -8.06 1.73
CA ALA A 134 14.64 -7.66 1.59
C ALA A 134 14.82 -6.20 1.99
N ILE A 135 13.87 -5.37 1.62
CA ILE A 135 13.92 -3.94 1.91
C ILE A 135 13.32 -3.62 3.28
N GLY A 136 12.11 -4.10 3.52
CA GLY A 136 11.41 -3.83 4.76
C GLY A 136 12.15 -4.31 5.99
N LEU A 137 12.98 -5.34 5.82
CA LEU A 137 13.72 -5.91 6.94
C LEU A 137 15.22 -5.66 6.81
N THR A 138 15.58 -4.60 6.08
CA THR A 138 16.98 -4.21 5.92
C THR A 138 17.67 -3.93 7.26
N PRO A 139 16.97 -3.26 8.19
CA PRO A 139 17.56 -3.03 9.51
C PRO A 139 17.97 -4.32 10.20
N MET A 140 17.38 -5.44 9.80
CA MET A 140 17.72 -6.73 10.38
C MET A 140 19.00 -7.29 9.75
N LEU A 141 19.33 -6.81 8.57
CA LEU A 141 20.51 -7.26 7.85
C LEU A 141 21.79 -6.81 8.55
N GLY A 142 21.64 -5.87 9.47
CA GLY A 142 22.79 -5.34 10.21
C GLY A 142 22.72 -3.84 10.36
N TRP A 143 21.94 -3.21 9.49
CA TRP A 143 21.77 -1.76 9.51
C TRP A 143 20.81 -1.36 10.62
N ASN A 144 21.20 -1.59 11.87
CA ASN A 144 20.35 -1.30 13.02
C ASN A 144 21.10 -0.65 14.17
N ASN A 145 20.38 -0.31 15.23
CA ASN A 145 20.95 0.32 16.40
C ASN A 145 20.74 -0.50 17.66
N CYS A 146 21.07 -1.78 17.60
CA CYS A 146 20.94 -2.67 18.74
C CYS A 146 22.14 -2.56 19.66
N GLY A 147 22.02 -1.72 20.70
CA GLY A 147 23.09 -1.53 21.66
C GLY A 147 23.92 -0.30 21.35
N GLN A 148 23.26 0.74 20.84
CA GLN A 148 23.95 1.99 20.53
C GLN A 148 23.44 3.12 21.42
N PRO A 149 24.12 3.34 22.56
CA PRO A 149 23.77 4.38 23.53
C PRO A 149 23.84 5.77 22.91
N GLY A 158 18.39 -3.45 33.09
CA GLY A 158 17.20 -3.17 32.31
C GLY A 158 16.51 -4.43 31.82
N CYS A 159 17.10 -5.06 30.81
CA CYS A 159 16.54 -6.28 30.24
C CYS A 159 17.54 -7.43 30.31
N GLY A 160 18.75 -7.14 30.80
CA GLY A 160 19.79 -8.15 30.90
C GLY A 160 20.46 -8.40 29.57
N GLU A 161 21.62 -9.04 29.60
CA GLU A 161 22.36 -9.36 28.38
C GLU A 161 21.53 -10.22 27.45
N GLY A 162 21.69 -10.00 26.14
CA GLY A 162 20.93 -10.72 25.15
C GLY A 162 19.72 -9.95 24.67
N GLN A 163 18.82 -9.64 25.59
CA GLN A 163 17.61 -8.89 25.27
C GLN A 163 17.88 -7.39 25.17
N VAL A 164 17.09 -6.70 24.34
CA VAL A 164 17.26 -5.27 24.14
C VAL A 164 15.95 -4.54 24.39
N ALA A 165 16.04 -3.36 25.03
CA ALA A 165 14.86 -2.53 25.25
C ALA A 165 14.25 -2.16 23.91
N CYS A 166 13.28 -2.96 23.47
CA CYS A 166 12.69 -2.79 22.14
C CYS A 166 11.90 -1.49 22.03
N LEU A 167 12.58 -0.44 21.59
CA LEU A 167 11.95 0.85 21.36
C LEU A 167 12.26 1.31 19.94
N PHE A 168 11.21 1.59 19.18
CA PHE A 168 11.36 1.94 17.77
C PHE A 168 12.53 2.90 17.52
N GLU A 169 12.43 4.10 18.10
CA GLU A 169 13.42 5.14 17.86
C GLU A 169 14.86 4.72 18.20
N ASP A 170 15.02 3.94 19.26
CA ASP A 170 16.34 3.55 19.73
C ASP A 170 16.92 2.36 18.99
N VAL A 171 16.05 1.55 18.38
CA VAL A 171 16.50 0.33 17.73
C VAL A 171 16.55 0.46 16.20
N VAL A 172 15.70 1.33 15.66
CA VAL A 172 15.63 1.50 14.21
C VAL A 172 16.30 2.80 13.76
N PRO A 173 17.32 2.69 12.90
CA PRO A 173 18.10 3.82 12.39
C PRO A 173 17.22 4.87 11.71
N MET A 174 17.69 6.12 11.72
CA MET A 174 16.98 7.21 11.05
C MET A 174 17.54 7.46 9.67
N ASN A 175 18.86 7.35 9.54
CA ASN A 175 19.51 7.50 8.25
C ASN A 175 19.03 6.45 7.25
N TYR A 176 18.46 5.37 7.77
CA TYR A 176 17.90 4.32 6.96
C TYR A 176 16.48 4.68 6.50
N MET A 177 15.59 4.87 7.46
CA MET A 177 14.19 5.13 7.15
C MET A 177 13.98 6.42 6.35
N VAL A 178 15.02 7.24 6.27
CA VAL A 178 14.93 8.48 5.53
C VAL A 178 15.58 8.36 4.15
N TYR A 179 16.91 8.22 4.14
CA TYR A 179 17.64 8.11 2.89
C TYR A 179 17.23 6.88 2.09
N PHE A 180 17.17 5.73 2.76
CA PHE A 180 16.87 4.47 2.10
C PHE A 180 15.36 4.23 1.95
N ASN A 181 14.71 3.94 3.06
CA ASN A 181 13.27 3.63 3.06
C ASN A 181 12.42 4.68 2.35
N PHE A 182 12.19 5.81 3.02
CA PHE A 182 11.32 6.85 2.48
C PHE A 182 11.74 7.35 1.10
N PHE A 183 12.82 8.12 1.06
CA PHE A 183 13.26 8.77 -0.17
C PHE A 183 13.32 7.86 -1.39
N ALA A 184 13.86 6.66 -1.21
CA ALA A 184 14.11 5.76 -2.34
C ALA A 184 13.01 4.72 -2.55
N CYS A 185 12.62 4.06 -1.46
CA CYS A 185 11.68 2.94 -1.56
C CYS A 185 10.22 3.36 -1.41
N VAL A 186 9.98 4.66 -1.28
CA VAL A 186 8.61 5.16 -1.16
C VAL A 186 8.38 6.42 -1.98
N LEU A 187 9.24 7.42 -1.78
CA LEU A 187 9.11 8.68 -2.50
C LEU A 187 9.32 8.50 -4.00
N VAL A 188 10.40 7.82 -4.37
CA VAL A 188 10.70 7.58 -5.78
C VAL A 188 9.57 6.83 -6.48
N PRO A 189 9.09 5.72 -5.88
CA PRO A 189 7.96 4.99 -6.47
C PRO A 189 6.75 5.90 -6.69
N LEU A 190 6.35 6.64 -5.67
CA LEU A 190 5.22 7.56 -5.78
C LEU A 190 5.42 8.55 -6.92
N LEU A 191 6.67 8.95 -7.13
CA LEU A 191 6.99 9.85 -8.22
C LEU A 191 6.87 9.15 -9.57
N LEU A 192 7.15 7.85 -9.57
CA LEU A 192 6.98 7.02 -10.76
C LEU A 192 5.50 6.78 -11.02
N MET A 193 4.78 6.35 -9.99
CA MET A 193 3.34 6.14 -10.09
C MET A 193 2.64 7.39 -10.58
N LEU A 194 2.98 8.53 -10.00
CA LEU A 194 2.43 9.81 -10.44
C LEU A 194 2.75 10.02 -11.92
N GLY A 195 4.01 9.77 -12.28
CA GLY A 195 4.46 9.93 -13.65
C GLY A 195 3.70 9.07 -14.62
N VAL A 196 3.30 7.87 -14.17
CA VAL A 196 2.53 6.95 -15.00
C VAL A 196 1.14 7.51 -15.27
N TYR A 197 0.39 7.76 -14.21
CA TYR A 197 -0.96 8.31 -14.34
C TYR A 197 -0.95 9.61 -15.14
N LEU A 198 0.22 10.25 -15.23
CA LEU A 198 0.36 11.45 -16.03
C LEU A 198 0.18 11.15 -17.51
N ARG A 199 0.86 10.10 -17.97
CA ARG A 199 0.78 9.69 -19.37
C ARG A 199 -0.57 9.03 -19.65
N ILE A 200 -1.03 8.21 -18.71
CA ILE A 200 -2.31 7.53 -18.84
C ILE A 200 -3.43 8.51 -19.20
N PHE A 201 -3.70 9.45 -18.30
CA PHE A 201 -4.77 10.42 -18.52
C PHE A 201 -4.43 11.43 -19.60
N ALA A 202 -3.16 11.45 -20.01
CA ALA A 202 -2.73 12.35 -21.09
C ALA A 202 -3.09 11.77 -22.44
N ALA A 203 -2.75 10.49 -22.65
CA ALA A 203 -3.05 9.81 -23.90
C ALA A 203 -4.52 9.41 -23.99
N ALA A 204 -5.13 9.15 -22.84
CA ALA A 204 -6.53 8.75 -22.79
C ALA A 204 -7.43 9.79 -23.44
N ARG A 205 -7.17 11.06 -23.12
CA ARG A 205 -7.94 12.16 -23.68
C ARG A 205 -7.57 12.40 -25.15
N ARG A 206 -6.39 11.94 -25.54
CA ARG A 206 -5.96 12.02 -26.93
C ARG A 206 -6.77 11.04 -27.76
N GLN A 207 -7.06 9.88 -27.18
CA GLN A 207 -7.89 8.88 -27.84
C GLN A 207 -9.27 9.45 -28.12
N LEU A 208 -9.87 10.06 -27.10
CA LEU A 208 -11.18 10.67 -27.24
C LEU A 208 -11.15 11.78 -28.30
N LYS A 209 -9.97 12.36 -28.50
CA LYS A 209 -9.80 13.42 -29.48
C LYS A 209 -9.72 12.86 -30.90
N GLN A 210 -9.10 11.69 -31.02
CA GLN A 210 -8.99 11.02 -32.31
C GLN A 210 -10.32 10.39 -32.72
N MET A 211 -11.10 9.96 -31.72
CA MET A 211 -12.40 9.38 -31.97
C MET A 211 -13.47 10.45 -32.06
N GLU A 212 -13.04 11.71 -32.11
CA GLU A 212 -13.96 12.83 -32.23
C GLU A 212 -14.08 13.26 -33.69
N SER A 213 -13.03 13.00 -34.46
CA SER A 213 -13.02 13.33 -35.88
C SER A 213 -13.14 12.07 -36.72
N GLN A 214 -14.00 11.16 -36.30
CA GLN A 214 -14.20 9.90 -37.01
C GLN A 214 -15.51 9.89 -37.78
N PRO A 215 -15.45 9.46 -39.05
CA PRO A 215 -16.62 9.37 -39.93
C PRO A 215 -17.56 8.24 -39.54
N LEU A 216 -17.52 7.82 -38.28
CA LEU A 216 -18.38 6.74 -37.81
C LEU A 216 -18.61 6.82 -36.30
N PRO A 217 -19.77 6.34 -35.83
CA PRO A 217 -20.11 6.34 -34.41
C PRO A 217 -19.08 5.61 -33.55
N GLY A 218 -19.03 4.30 -33.67
CA GLY A 218 -18.08 3.48 -32.93
C GLY A 218 -18.10 3.77 -31.44
N GLU A 219 -19.29 3.68 -30.84
CA GLU A 219 -19.45 3.93 -29.41
C GLU A 219 -18.84 2.81 -28.59
N ARG A 220 -18.55 1.68 -29.23
CA ARG A 220 -17.89 0.57 -28.57
C ARG A 220 -16.52 0.98 -28.04
N ALA A 221 -15.78 1.71 -28.87
CA ALA A 221 -14.46 2.19 -28.48
C ALA A 221 -14.56 3.21 -27.36
N ARG A 222 -15.46 4.18 -27.52
CA ARG A 222 -15.66 5.22 -26.52
C ARG A 222 -16.08 4.63 -25.18
N SER A 223 -17.17 3.88 -25.18
CA SER A 223 -17.71 3.30 -23.96
C SER A 223 -16.66 2.44 -23.24
N THR A 224 -16.00 1.57 -24.00
CA THR A 224 -14.96 0.71 -23.44
C THR A 224 -13.82 1.54 -22.87
N LEU A 225 -13.34 2.50 -23.65
CA LEU A 225 -12.25 3.38 -23.23
C LEU A 225 -12.60 4.12 -21.95
N GLN A 226 -13.76 4.78 -21.95
CA GLN A 226 -14.21 5.55 -20.80
C GLN A 226 -14.30 4.70 -19.54
N LYS A 227 -14.42 3.39 -19.72
CA LYS A 227 -14.47 2.48 -18.59
C LYS A 227 -13.07 2.02 -18.18
N GLU A 228 -12.19 1.89 -19.18
CA GLU A 228 -10.78 1.61 -18.91
C GLU A 228 -10.17 2.80 -18.17
N VAL A 229 -10.63 3.99 -18.52
CA VAL A 229 -10.22 5.21 -17.84
C VAL A 229 -10.84 5.28 -16.46
N HIS A 230 -12.11 4.89 -16.36
CA HIS A 230 -12.81 4.89 -15.07
C HIS A 230 -12.09 3.99 -14.08
N ALA A 231 -11.57 2.87 -14.56
CA ALA A 231 -10.83 1.94 -13.72
C ALA A 231 -9.45 2.49 -13.39
N ALA A 232 -8.84 3.20 -14.34
CA ALA A 232 -7.55 3.83 -14.12
C ALA A 232 -7.66 4.94 -13.10
N LYS A 233 -8.72 5.74 -13.22
CA LYS A 233 -8.98 6.83 -12.28
C LYS A 233 -9.23 6.27 -10.89
N SER A 234 -10.07 5.23 -10.81
CA SER A 234 -10.34 4.57 -9.55
C SER A 234 -9.06 4.04 -8.94
N ALA A 235 -8.14 3.60 -9.80
CA ALA A 235 -6.85 3.12 -9.35
C ALA A 235 -5.98 4.27 -8.83
N ALA A 236 -6.07 5.41 -9.50
CA ALA A 236 -5.34 6.60 -9.08
C ALA A 236 -5.80 7.07 -7.70
N ILE A 237 -7.09 6.92 -7.44
CA ILE A 237 -7.65 7.33 -6.15
C ILE A 237 -7.18 6.41 -5.03
N ILE A 238 -6.83 5.18 -5.39
CA ILE A 238 -6.31 4.22 -4.43
C ILE A 238 -4.88 4.56 -4.03
N ALA A 239 -4.03 4.75 -5.04
CA ALA A 239 -2.63 5.10 -4.81
C ALA A 239 -2.52 6.46 -4.15
N GLY A 240 -3.45 7.36 -4.46
CA GLY A 240 -3.46 8.69 -3.90
C GLY A 240 -3.66 8.68 -2.39
N LEU A 241 -4.58 7.83 -1.92
CA LEU A 241 -4.86 7.72 -0.50
C LEU A 241 -3.67 7.16 0.27
N PHE A 242 -2.90 6.29 -0.38
CA PHE A 242 -1.71 5.72 0.23
C PHE A 242 -0.74 6.82 0.64
N ALA A 243 -0.27 7.57 -0.35
CA ALA A 243 0.64 8.69 -0.10
C ALA A 243 0.05 9.66 0.91
N LEU A 244 -1.25 9.91 0.80
CA LEU A 244 -1.94 10.83 1.69
C LEU A 244 -1.98 10.31 3.12
N CYS A 245 -1.80 9.00 3.27
CA CYS A 245 -1.88 8.37 4.58
C CYS A 245 -0.52 7.89 5.08
N TRP A 246 0.55 8.37 4.46
CA TRP A 246 1.89 7.97 4.86
C TRP A 246 2.88 9.13 4.86
N LEU A 247 2.69 10.08 3.93
CA LEU A 247 3.55 11.25 3.85
C LEU A 247 3.71 11.97 5.19
N PRO A 248 2.59 12.20 5.90
CA PRO A 248 2.67 12.88 7.20
C PRO A 248 3.73 12.25 8.11
N LEU A 249 3.67 10.93 8.27
CA LEU A 249 4.60 10.23 9.16
C LEU A 249 6.03 10.31 8.64
N HIS A 250 6.19 10.28 7.33
CA HIS A 250 7.51 10.37 6.72
C HIS A 250 8.10 11.77 6.83
N ILE A 251 7.26 12.77 6.59
CA ILE A 251 7.67 14.17 6.71
C ILE A 251 8.16 14.43 8.13
N ILE A 252 7.46 13.87 9.10
CA ILE A 252 7.86 13.98 10.50
C ILE A 252 9.28 13.44 10.71
N ASN A 253 9.55 12.27 10.13
CA ASN A 253 10.87 11.68 10.20
C ASN A 253 11.93 12.59 9.58
N CYS A 254 11.52 13.37 8.58
CA CYS A 254 12.43 14.30 7.93
C CYS A 254 12.63 15.53 8.80
N PHE A 255 11.64 15.85 9.63
CA PHE A 255 11.74 16.96 10.57
C PHE A 255 12.71 16.61 11.70
N THR A 256 12.49 15.46 12.31
CA THR A 256 13.32 15.00 13.41
C THR A 256 14.77 14.78 12.94
N PHE A 257 14.92 14.29 11.72
CA PHE A 257 16.24 13.96 11.18
C PHE A 257 16.99 15.21 10.71
N PHE A 258 16.51 15.81 9.63
CA PHE A 258 17.21 16.93 9.00
C PHE A 258 17.24 18.18 9.88
N CYS A 259 16.32 18.27 10.83
CA CYS A 259 16.26 19.42 11.72
C CYS A 259 16.32 18.99 13.18
N PRO A 260 17.54 18.76 13.69
CA PRO A 260 17.78 18.30 15.06
C PRO A 260 17.25 19.28 16.10
N ASP A 261 17.37 20.58 15.83
CA ASP A 261 16.93 21.61 16.76
C ASP A 261 15.44 21.88 16.66
N CYS A 262 14.82 21.42 15.57
CA CYS A 262 13.38 21.55 15.40
C CYS A 262 12.63 20.69 16.41
N SER A 263 11.57 21.23 16.98
CA SER A 263 10.80 20.53 18.00
C SER A 263 10.53 19.08 17.61
N HIS A 264 11.18 18.14 18.28
CA HIS A 264 10.94 16.73 18.04
C HIS A 264 9.45 16.46 18.17
N ALA A 265 8.85 15.93 17.10
CA ALA A 265 7.41 15.70 17.07
C ALA A 265 6.89 15.06 18.36
N PRO A 266 5.85 15.65 18.94
CA PRO A 266 5.22 15.16 20.17
C PRO A 266 4.75 13.72 20.00
N LEU A 267 4.66 12.99 21.11
CA LEU A 267 4.21 11.60 21.07
C LEU A 267 2.75 11.48 20.65
N TRP A 268 1.93 12.42 21.10
CA TRP A 268 0.51 12.41 20.76
C TRP A 268 0.31 12.64 19.28
N LEU A 269 1.02 13.62 18.72
CA LEU A 269 0.96 13.91 17.30
C LEU A 269 1.64 12.80 16.52
N MET A 270 2.64 12.18 17.14
CA MET A 270 3.34 11.06 16.53
C MET A 270 2.41 9.86 16.43
N TYR A 271 1.62 9.65 17.47
CA TYR A 271 0.64 8.55 17.48
C TYR A 271 -0.38 8.76 16.37
N LEU A 272 -0.99 9.93 16.34
CA LEU A 272 -1.95 10.28 15.31
C LEU A 272 -1.39 9.99 13.93
N ALA A 273 -0.17 10.45 13.67
CA ALA A 273 0.46 10.26 12.37
C ALA A 273 0.67 8.78 12.06
N ILE A 274 1.12 8.02 13.05
CA ILE A 274 1.33 6.59 12.88
C ILE A 274 0.01 5.87 12.66
N VAL A 275 -1.03 6.32 13.37
CA VAL A 275 -2.36 5.75 13.22
C VAL A 275 -2.88 5.91 11.80
N LEU A 276 -2.69 7.10 11.23
CA LEU A 276 -3.16 7.39 9.89
C LEU A 276 -2.67 6.34 8.88
N ALA A 277 -1.46 5.85 9.09
CA ALA A 277 -0.89 4.84 8.21
C ALA A 277 -1.64 3.51 8.33
N HIS A 278 -2.11 3.21 9.54
CA HIS A 278 -2.87 1.98 9.78
C HIS A 278 -4.28 2.10 9.21
N THR A 279 -4.66 3.31 8.80
CA THR A 279 -5.98 3.55 8.26
C THR A 279 -6.03 3.26 6.76
N ASN A 280 -4.89 3.36 6.10
CA ASN A 280 -4.79 3.10 4.67
C ASN A 280 -5.16 1.67 4.31
N SER A 281 -5.25 0.82 5.33
CA SER A 281 -5.57 -0.59 5.12
C SER A 281 -7.07 -0.84 5.31
N VAL A 282 -7.88 0.19 5.10
CA VAL A 282 -9.31 0.09 5.34
C VAL A 282 -10.13 0.78 4.24
N VAL A 283 -9.54 1.80 3.62
CA VAL A 283 -10.25 2.60 2.63
C VAL A 283 -10.45 1.86 1.31
N ASN A 284 -9.56 0.94 1.00
CA ASN A 284 -9.62 0.20 -0.26
C ASN A 284 -10.94 -0.57 -0.47
N PRO A 285 -11.35 -1.35 0.54
CA PRO A 285 -12.63 -2.07 0.42
C PRO A 285 -13.78 -1.11 0.13
N PHE A 286 -13.84 -0.02 0.89
CA PHE A 286 -14.92 0.96 0.74
C PHE A 286 -14.80 1.74 -0.56
N ILE A 287 -13.59 1.83 -1.10
CA ILE A 287 -13.36 2.56 -2.35
C ILE A 287 -13.76 1.71 -3.55
N TYR A 288 -13.69 0.38 -3.38
CA TYR A 288 -14.13 -0.53 -4.41
C TYR A 288 -15.65 -0.58 -4.44
N ALA A 289 -16.24 -0.77 -3.28
CA ALA A 289 -17.70 -0.81 -3.16
C ALA A 289 -18.33 0.54 -3.51
N TYR A 290 -17.49 1.51 -3.85
CA TYR A 290 -17.97 2.84 -4.20
C TYR A 290 -17.64 3.20 -5.65
N ARG A 291 -16.37 3.04 -6.01
CA ARG A 291 -15.91 3.39 -7.35
C ARG A 291 -16.18 2.30 -8.37
N ILE A 292 -16.37 1.07 -7.89
CA ILE A 292 -16.61 -0.06 -8.79
C ILE A 292 -18.02 -0.61 -8.60
N ARG A 293 -18.83 -0.47 -9.65
CA ARG A 293 -20.20 -0.97 -9.62
C ARG A 293 -20.23 -2.50 -9.60
N GLU A 294 -19.24 -3.11 -10.26
CA GLU A 294 -19.14 -4.56 -10.30
C GLU A 294 -18.83 -5.11 -8.91
N PHE A 295 -17.98 -4.41 -8.17
CA PHE A 295 -17.56 -4.83 -6.84
C PHE A 295 -18.70 -4.74 -5.81
N ARG A 296 -19.34 -3.58 -5.75
CA ARG A 296 -20.39 -3.35 -4.76
C ARG A 296 -21.49 -4.40 -4.83
N GLN A 297 -21.91 -4.74 -6.04
CA GLN A 297 -22.97 -5.72 -6.25
C GLN A 297 -22.56 -7.10 -5.74
N THR A 298 -21.27 -7.40 -5.84
CA THR A 298 -20.75 -8.66 -5.36
C THR A 298 -20.80 -8.73 -3.84
N PHE A 299 -20.30 -7.67 -3.20
CA PHE A 299 -20.32 -7.59 -1.74
C PHE A 299 -21.74 -7.71 -1.21
N ARG A 300 -22.67 -7.01 -1.87
CA ARG A 300 -24.07 -7.03 -1.48
C ARG A 300 -24.61 -8.45 -1.42
N LYS A 301 -24.27 -9.25 -2.42
CA LYS A 301 -24.66 -10.65 -2.47
C LYS A 301 -24.18 -11.40 -1.23
N ILE A 302 -22.89 -11.28 -0.94
CA ILE A 302 -22.28 -11.97 0.18
C ILE A 302 -23.02 -11.71 1.49
N ILE A 303 -23.14 -10.43 1.84
CA ILE A 303 -23.78 -10.03 3.09
C ILE A 303 -25.19 -10.58 3.21
N ARG A 304 -26.03 -10.25 2.23
CA ARG A 304 -27.42 -10.70 2.22
C ARG A 304 -27.51 -12.21 2.35
N SER A 305 -26.65 -12.91 1.60
CA SER A 305 -26.65 -14.37 1.62
C SER A 305 -25.47 -14.90 2.43
C1 ZMA B . 3.45 5.34 19.55
C2 ZMA B . 2.24 4.68 19.34
C3 ZMA B . 2.25 3.40 18.80
O4 ZMA B . 1.04 2.78 18.60
C5 ZMA B . 3.44 2.76 18.47
C6 ZMA B . 4.65 3.43 18.68
C7 ZMA B . 4.67 4.73 19.22
C8 ZMA B . 5.98 5.43 19.44
C9 ZMA B . 7.12 4.72 18.70
N10 ZMA B . 8.04 5.67 18.10
C11 ZMA B . 8.14 5.93 16.76
N12 ZMA B . 7.53 5.09 15.87
N13 ZMA B . 8.90 7.04 16.46
C14 ZMA B . 9.07 7.39 15.17
N15 ZMA B . 9.79 8.47 14.76
N16 ZMA B . 8.42 6.51 14.20
N17 ZMA B . 8.36 6.53 12.78
C18 ZMA B . 7.69 5.41 14.57
N19 ZMA B . 7.18 4.75 13.45
C20 ZMA B . 7.60 5.45 12.38
C21 ZMA B . 7.31 5.12 10.97
C22 ZMA B . 6.74 3.97 10.50
C23 ZMA B . 6.67 4.09 9.08
C24 ZMA B . 7.21 5.31 8.78
O25 ZMA B . 7.60 5.95 9.90
#